data_8D0D
#
_entry.id   8D0D
#
_cell.length_a   33.138
_cell.length_b   86.634
_cell.length_c   117.065
_cell.angle_alpha   90.000
_cell.angle_beta   90.000
_cell.angle_gamma   90.000
#
_symmetry.space_group_name_H-M   'P 2 21 21'
#
loop_
_entity.id
_entity.type
_entity.pdbx_description
1 polymer 'NAD(+) hydrolase SARM1'
2 non-polymer '[[(2~{R},3~{S},4~{R},5~{R})-5-(6-aminopurin-9-yl)-3,4-bis(oxidanyl)oxolan-2-yl]methoxy-oxidanyl-phosphoryl] [(2~{R},3~{S},4~{R})-5-[4-[3-[3-(4-chlorophenyl)propanoylamino]-4-methyl-1~{H}-pyrazol-5-yl]pyridin-1-yl]-3,4-bis(oxidanyl)oxolan-2-yl]methyl hydrogen phosphate'
3 water water
#
_entity_poly.entity_id   1
_entity_poly.type   'polypeptide(L)'
_entity_poly.pdbx_seq_one_letter_code
;SGDTPDVFISYRRNSGSQLASLLKVHLQLHGFSVFIDVEKLEAGKFEDKLIQSVMGARNFVLVLSPGALDKCMQDHDCKD
WVHKEIVTALSCGKNIVPIIDGFEWPEPQVLPEDMQAVLTFNGIKWSHEYQEATIEKIIRFLQ
;
_entity_poly.pdbx_strand_id   A,B
#
loop_
_chem_comp.id
_chem_comp.type
_chem_comp.name
_chem_comp.formula
Q0L non-polymer '[[(2~{R},3~{S},4~{R},5~{R})-5-(6-aminopurin-9-yl)-3,4-bis(oxidanyl)oxolan-2-yl]methoxy-oxidanyl-phosphoryl] [(2~{R},3~{S},4~{R})-5-[4-[3-[3-(4-chlorophenyl)propanoylamino]-4-methyl-1~{H}-pyrazol-5-yl]pyridin-1-yl]-3,4-bis(oxidanyl)oxolan-2-yl]methyl hydrogen phosphate' 'C33 H39 Cl N9 O14 P2 1'
#
# COMPACT_ATOMS: atom_id res chain seq x y z
N THR A 4 12.30 10.71 20.18
CA THR A 4 13.19 10.16 19.16
C THR A 4 12.72 8.81 18.64
N PRO A 5 12.19 8.79 17.41
CA PRO A 5 11.69 7.53 16.83
C PRO A 5 12.76 6.44 16.76
N ASP A 6 12.32 5.18 16.92
CA ASP A 6 13.16 4.00 16.87
C ASP A 6 13.35 3.43 15.47
N VAL A 7 12.48 3.79 14.53
CA VAL A 7 12.43 3.18 13.21
C VAL A 7 12.31 4.31 12.20
N PHE A 8 13.24 4.39 11.26
CA PHE A 8 13.12 5.32 10.13
C PHE A 8 12.71 4.54 8.89
N ILE A 9 11.68 5.03 8.19
CA ILE A 9 11.17 4.37 6.99
C ILE A 9 11.59 5.20 5.78
N SER A 10 12.47 4.63 4.96
CA SER A 10 12.94 5.21 3.72
C SER A 10 12.24 4.52 2.55
N TYR A 11 11.70 5.32 1.63
CA TYR A 11 10.89 4.74 0.55
C TYR A 11 10.90 5.67 -0.66
N ARG A 12 10.53 5.10 -1.80
CA ARG A 12 10.42 5.87 -3.04
C ARG A 12 8.99 6.38 -3.15
N ARG A 13 8.81 7.71 -3.15
CA ARG A 13 7.47 8.30 -3.10
C ARG A 13 6.55 7.74 -4.19
N ASN A 14 7.03 7.66 -5.43
CA ASN A 14 6.12 7.31 -6.52
C ASN A 14 5.84 5.82 -6.67
N SER A 15 6.43 4.95 -5.84
CA SER A 15 6.16 3.53 -6.01
C SER A 15 5.89 2.81 -4.70
N GLY A 16 6.40 3.31 -3.58
CA GLY A 16 6.25 2.56 -2.35
C GLY A 16 5.54 3.27 -1.22
N SER A 17 4.76 4.32 -1.54
N SER A 17 4.76 4.32 -1.53
CA SER A 17 4.08 5.11 -0.52
CA SER A 17 4.13 5.09 -0.46
C SER A 17 3.10 4.26 0.28
C SER A 17 3.07 4.29 0.28
N GLN A 18 2.36 3.40 -0.41
CA GLN A 18 1.34 2.60 0.28
C GLN A 18 1.96 1.55 1.20
N LEU A 19 2.97 0.83 0.71
CA LEU A 19 3.65 -0.14 1.56
C LEU A 19 4.30 0.55 2.75
N ALA A 20 5.02 1.66 2.49
CA ALA A 20 5.66 2.39 3.57
C ALA A 20 4.65 2.80 4.65
N SER A 21 3.45 3.18 4.21
CA SER A 21 2.38 3.59 5.12
C SER A 21 1.86 2.40 5.90
N LEU A 22 1.61 1.29 5.19
CA LEU A 22 1.20 0.04 5.84
C LEU A 22 2.23 -0.40 6.86
N LEU A 23 3.52 -0.27 6.54
CA LEU A 23 4.55 -0.63 7.50
C LEU A 23 4.47 0.24 8.74
N LYS A 24 4.22 1.54 8.55
CA LYS A 24 4.15 2.45 9.69
C LYS A 24 2.99 2.06 10.62
N VAL A 25 1.83 1.76 10.05
CA VAL A 25 0.67 1.39 10.87
C VAL A 25 0.97 0.16 11.72
N HIS A 26 1.52 -0.88 11.09
CA HIS A 26 1.80 -2.11 11.81
C HIS A 26 2.85 -1.91 12.88
N LEU A 27 3.94 -1.22 12.56
CA LEU A 27 4.99 -1.05 13.55
C LEU A 27 4.50 -0.22 14.74
N GLN A 28 3.71 0.83 14.49
CA GLN A 28 3.15 1.60 15.59
C GLN A 28 2.22 0.76 16.45
N LEU A 29 1.40 -0.10 15.81
CA LEU A 29 0.51 -0.97 16.58
C LEU A 29 1.30 -1.89 17.50
N HIS A 30 2.46 -2.36 17.06
CA HIS A 30 3.32 -3.16 17.91
C HIS A 30 4.24 -2.31 18.77
N GLY A 31 3.96 -1.02 18.91
CA GLY A 31 4.59 -0.21 19.95
C GLY A 31 5.90 0.43 19.58
N PHE A 32 6.27 0.46 18.30
CA PHE A 32 7.45 1.17 17.87
C PHE A 32 7.12 2.62 17.57
N SER A 33 8.07 3.50 17.86
N SER A 33 8.08 3.49 17.84
CA SER A 33 7.99 4.88 17.39
CA SER A 33 8.02 4.88 17.40
C SER A 33 8.60 4.93 16.00
C SER A 33 8.62 4.94 16.00
N VAL A 34 7.82 5.40 15.03
CA VAL A 34 8.19 5.35 13.62
C VAL A 34 8.36 6.76 13.08
N PHE A 35 9.39 6.97 12.25
CA PHE A 35 9.50 8.17 11.44
C PHE A 35 9.17 7.83 9.99
N ILE A 36 8.14 8.48 9.44
CA ILE A 36 7.92 8.58 8.01
C ILE A 36 7.65 10.05 7.71
N ASP A 37 8.19 10.52 6.57
CA ASP A 37 8.20 11.97 6.32
C ASP A 37 6.79 12.58 6.41
N VAL A 38 5.79 11.94 5.80
CA VAL A 38 4.47 12.58 5.75
C VAL A 38 3.83 12.73 7.12
N GLU A 39 4.34 12.05 8.15
CA GLU A 39 3.76 12.22 9.48
C GLU A 39 4.67 12.96 10.45
N LYS A 40 5.99 12.92 10.28
CA LYS A 40 6.90 13.50 11.27
C LYS A 40 7.88 14.53 10.73
N LEU A 41 7.95 14.75 9.42
CA LEU A 41 8.79 15.81 8.87
C LEU A 41 7.99 17.10 8.90
N GLU A 42 8.39 18.02 9.76
CA GLU A 42 7.59 19.23 9.92
C GLU A 42 8.35 20.47 9.43
N ALA A 43 8.24 21.59 10.15
CA ALA A 43 8.73 22.86 9.62
C ALA A 43 10.25 22.91 9.63
N GLY A 44 10.81 23.70 8.73
CA GLY A 44 12.24 23.98 8.72
C GLY A 44 12.92 23.37 7.50
N LYS A 45 14.24 23.49 7.50
CA LYS A 45 15.02 22.95 6.39
C LYS A 45 15.00 21.41 6.47
N PHE A 46 14.36 20.78 5.50
CA PHE A 46 14.16 19.33 5.58
C PHE A 46 15.47 18.55 5.46
N GLU A 47 16.49 19.12 4.82
CA GLU A 47 17.74 18.37 4.62
C GLU A 47 18.36 17.95 5.95
N ASP A 48 18.51 18.90 6.88
CA ASP A 48 19.08 18.58 8.17
C ASP A 48 18.14 17.69 8.99
N LYS A 49 16.83 17.93 8.89
CA LYS A 49 15.88 17.15 9.68
C LYS A 49 15.85 15.69 9.24
N LEU A 50 15.94 15.43 7.94
CA LEU A 50 15.96 14.04 7.47
C LEU A 50 17.22 13.32 7.97
N ILE A 51 18.39 13.96 7.80
CA ILE A 51 19.65 13.33 8.21
C ILE A 51 19.66 13.05 9.71
N GLN A 52 19.18 14.02 10.50
CA GLN A 52 19.15 13.82 11.94
C GLN A 52 18.14 12.75 12.32
N SER A 53 17.06 12.59 11.54
CA SER A 53 16.08 11.56 11.84
C SER A 53 16.63 10.18 11.52
N VAL A 54 17.41 10.05 10.45
CA VAL A 54 18.09 8.78 10.19
C VAL A 54 19.05 8.47 11.34
N MET A 55 19.83 9.46 11.77
CA MET A 55 20.80 9.27 12.85
C MET A 55 20.11 8.84 14.14
N GLY A 56 18.94 9.40 14.43
CA GLY A 56 18.33 9.16 15.72
C GLY A 56 17.66 7.80 15.85
N ALA A 57 17.39 7.14 14.73
CA ALA A 57 16.65 5.87 14.75
C ALA A 57 17.61 4.70 14.67
N ARG A 58 17.52 3.78 15.64
CA ARG A 58 18.33 2.57 15.61
C ARG A 58 18.07 1.74 14.35
N ASN A 59 16.83 1.69 13.89
CA ASN A 59 16.42 0.81 12.80
C ASN A 59 16.13 1.62 11.55
N PHE A 60 16.63 1.14 10.41
CA PHE A 60 16.44 1.81 9.11
C PHE A 60 15.72 0.84 8.19
N VAL A 61 14.42 1.05 7.97
CA VAL A 61 13.58 0.13 7.19
C VAL A 61 13.48 0.68 5.76
N LEU A 62 14.02 -0.06 4.81
CA LEU A 62 14.20 0.44 3.45
C LEU A 62 13.15 -0.22 2.56
N VAL A 63 12.21 0.57 2.06
CA VAL A 63 11.10 0.01 1.29
C VAL A 63 11.55 -0.12 -0.16
N LEU A 64 11.81 -1.36 -0.60
CA LEU A 64 12.31 -1.60 -1.95
C LEU A 64 11.14 -2.07 -2.82
N SER A 65 10.39 -1.09 -3.30
CA SER A 65 9.35 -1.28 -4.29
C SER A 65 9.97 -1.35 -5.67
N PRO A 66 9.21 -1.76 -6.70
CA PRO A 66 9.80 -1.88 -8.04
C PRO A 66 10.48 -0.61 -8.51
N GLY A 67 11.72 -0.74 -8.99
CA GLY A 67 12.50 0.39 -9.46
C GLY A 67 12.87 1.42 -8.41
N ALA A 68 12.79 1.07 -7.12
CA ALA A 68 12.95 2.09 -6.08
C ALA A 68 14.35 2.70 -6.07
N LEU A 69 15.35 1.97 -6.55
CA LEU A 69 16.73 2.48 -6.56
C LEU A 69 17.13 3.01 -7.93
N ASP A 70 16.20 3.16 -8.87
CA ASP A 70 16.54 3.61 -10.21
C ASP A 70 17.15 5.02 -10.17
N LYS A 71 16.55 5.92 -9.39
CA LYS A 71 17.05 7.28 -9.29
C LYS A 71 18.36 7.36 -8.51
N CYS A 72 18.75 6.28 -7.82
CA CYS A 72 20.05 6.24 -7.15
C CYS A 72 21.20 6.03 -8.13
N MET A 73 20.93 5.36 -9.25
CA MET A 73 21.98 4.97 -10.17
C MET A 73 22.56 6.19 -10.86
N GLN A 74 23.89 6.27 -10.87
CA GLN A 74 24.67 7.39 -11.41
C GLN A 74 24.46 8.67 -10.64
N ASP A 75 23.84 8.62 -9.47
CA ASP A 75 23.68 9.80 -8.62
C ASP A 75 24.92 9.98 -7.73
N HIS A 76 26.06 10.21 -8.39
CA HIS A 76 27.32 10.20 -7.65
C HIS A 76 27.52 11.45 -6.80
N ASP A 77 26.87 12.56 -7.14
CA ASP A 77 26.83 13.76 -6.30
C ASP A 77 25.79 13.66 -5.18
N CYS A 78 25.15 12.50 -5.02
CA CYS A 78 24.33 12.17 -3.85
C CYS A 78 23.19 13.19 -3.65
N LYS A 79 22.48 13.49 -4.74
CA LYS A 79 21.34 14.40 -4.74
C LYS A 79 19.99 13.70 -4.64
N ASP A 80 19.94 12.39 -4.85
CA ASP A 80 18.71 11.64 -4.63
C ASP A 80 18.49 11.37 -3.14
N TRP A 81 17.25 11.55 -2.67
CA TRP A 81 17.05 11.47 -1.23
C TRP A 81 17.03 10.03 -0.70
N VAL A 82 16.57 9.05 -1.47
CA VAL A 82 16.73 7.68 -0.98
C VAL A 82 18.21 7.33 -0.91
N HIS A 83 18.98 7.72 -1.92
CA HIS A 83 20.43 7.52 -1.89
C HIS A 83 21.04 8.14 -0.63
N LYS A 84 20.70 9.41 -0.35
CA LYS A 84 21.28 10.11 0.79
C LYS A 84 20.92 9.43 2.12
N GLU A 85 19.68 8.94 2.23
CA GLU A 85 19.24 8.27 3.45
C GLU A 85 19.96 6.92 3.64
N ILE A 86 20.14 6.17 2.56
CA ILE A 86 20.88 4.91 2.67
C ILE A 86 22.32 5.16 3.08
N VAL A 87 22.97 6.19 2.51
CA VAL A 87 24.36 6.48 2.83
C VAL A 87 24.49 6.88 4.29
N THR A 88 23.53 7.66 4.80
CA THR A 88 23.53 8.04 6.21
C THR A 88 23.38 6.81 7.11
N ALA A 89 22.47 5.90 6.77
CA ALA A 89 22.29 4.70 7.59
C ALA A 89 23.52 3.81 7.55
N LEU A 90 24.14 3.69 6.38
CA LEU A 90 25.37 2.92 6.26
C LEU A 90 26.47 3.55 7.11
N SER A 91 26.64 4.85 6.99
CA SER A 91 27.69 5.58 7.72
C SER A 91 27.52 5.45 9.22
N CYS A 92 26.28 5.51 9.71
CA CYS A 92 26.00 5.43 11.14
C CYS A 92 25.96 4.00 11.67
N GLY A 93 26.09 3.00 10.80
CA GLY A 93 26.01 1.62 11.27
C GLY A 93 24.67 1.21 11.78
N LYS A 94 23.58 1.74 11.20
CA LYS A 94 22.23 1.42 11.61
C LYS A 94 21.86 -0.02 11.28
N ASN A 95 20.84 -0.51 11.99
CA ASN A 95 20.24 -1.80 11.68
C ASN A 95 19.35 -1.62 10.45
N ILE A 96 19.92 -1.91 9.29
CA ILE A 96 19.23 -1.75 8.01
C ILE A 96 18.43 -3.03 7.74
N VAL A 97 17.14 -2.85 7.47
CA VAL A 97 16.19 -3.94 7.19
C VAL A 97 15.52 -3.66 5.85
N PRO A 98 16.03 -4.21 4.74
CA PRO A 98 15.36 -4.01 3.45
C PRO A 98 14.11 -4.87 3.35
N ILE A 99 13.02 -4.24 2.87
CA ILE A 99 11.75 -4.90 2.60
C ILE A 99 11.56 -4.93 1.08
N ILE A 100 11.49 -6.14 0.53
CA ILE A 100 11.52 -6.35 -0.91
C ILE A 100 10.10 -6.64 -1.38
N ASP A 101 9.57 -5.75 -2.22
CA ASP A 101 8.20 -5.88 -2.74
C ASP A 101 8.27 -5.79 -4.25
N GLY A 102 8.50 -6.92 -4.91
CA GLY A 102 8.64 -6.91 -6.36
C GLY A 102 9.82 -6.14 -6.88
N PHE A 103 10.90 -6.10 -6.12
CA PHE A 103 12.10 -5.36 -6.47
C PHE A 103 13.11 -6.32 -7.10
N GLU A 104 13.65 -5.94 -8.25
CA GLU A 104 14.72 -6.70 -8.86
C GLU A 104 16.05 -6.32 -8.20
N TRP A 105 16.76 -7.29 -7.65
CA TRP A 105 18.02 -7.00 -6.96
C TRP A 105 19.01 -6.45 -7.97
N PRO A 106 19.58 -5.27 -7.75
CA PRO A 106 20.59 -4.76 -8.68
C PRO A 106 21.92 -5.46 -8.47
N GLU A 107 22.71 -5.48 -9.52
CA GLU A 107 24.07 -5.88 -9.22
C GLU A 107 24.86 -4.68 -8.70
N PRO A 108 25.86 -4.91 -7.86
CA PRO A 108 26.48 -3.78 -7.13
C PRO A 108 27.05 -2.69 -8.02
N GLN A 109 27.58 -3.01 -9.20
CA GLN A 109 28.28 -2.01 -9.99
C GLN A 109 27.35 -0.94 -10.57
N VAL A 110 26.04 -1.15 -10.57
CA VAL A 110 25.14 -0.11 -11.09
C VAL A 110 24.83 0.95 -10.06
N LEU A 111 25.16 0.70 -8.75
CA LEU A 111 24.92 1.62 -7.66
C LEU A 111 26.16 2.45 -7.37
N PRO A 112 26.01 3.71 -6.94
CA PRO A 112 27.18 4.46 -6.48
C PRO A 112 27.96 3.68 -5.43
N GLU A 113 29.27 3.92 -5.40
CA GLU A 113 30.18 3.21 -4.49
C GLU A 113 29.69 3.25 -3.05
N ASP A 114 29.20 4.41 -2.60
CA ASP A 114 28.88 4.67 -1.20
C ASP A 114 27.60 3.97 -0.73
N MET A 115 26.89 3.28 -1.60
CA MET A 115 25.70 2.55 -1.16
C MET A 115 25.70 1.09 -1.60
N GLN A 116 26.80 0.59 -2.19
CA GLN A 116 26.81 -0.79 -2.64
C GLN A 116 26.67 -1.76 -1.46
N ALA A 117 27.14 -1.35 -0.28
CA ALA A 117 27.05 -2.17 0.93
C ALA A 117 25.61 -2.45 1.37
N VAL A 118 24.60 -1.78 0.79
CA VAL A 118 23.24 -2.08 1.19
C VAL A 118 22.86 -3.51 0.83
N LEU A 119 23.48 -4.06 -0.23
CA LEU A 119 23.24 -5.44 -0.65
C LEU A 119 23.81 -6.49 0.30
N THR A 120 24.60 -6.09 1.31
CA THR A 120 25.14 -7.03 2.28
C THR A 120 24.19 -7.32 3.43
N PHE A 121 23.07 -6.61 3.51
CA PHE A 121 22.12 -6.76 4.60
C PHE A 121 21.02 -7.74 4.22
N ASN A 122 20.63 -8.60 5.16
CA ASN A 122 19.58 -9.58 4.92
C ASN A 122 18.23 -8.87 4.80
N GLY A 123 17.50 -9.13 3.70
CA GLY A 123 16.23 -8.48 3.44
C GLY A 123 15.05 -9.38 3.75
N ILE A 124 13.87 -8.77 3.84
CA ILE A 124 12.62 -9.48 4.07
C ILE A 124 11.76 -9.35 2.82
N LYS A 125 11.23 -10.48 2.36
CA LYS A 125 10.31 -10.51 1.22
C LYS A 125 8.91 -10.16 1.70
N TRP A 126 8.30 -9.13 1.10
CA TRP A 126 6.93 -8.78 1.43
C TRP A 126 5.99 -9.80 0.78
N SER A 127 5.17 -10.48 1.59
CA SER A 127 4.20 -11.46 1.07
C SER A 127 2.78 -10.94 1.27
N HIS A 128 2.12 -10.63 0.16
CA HIS A 128 0.71 -10.23 0.22
C HIS A 128 -0.16 -11.30 0.88
N GLU A 129 0.15 -12.58 0.62
CA GLU A 129 -0.67 -13.69 1.12
C GLU A 129 -0.46 -13.95 2.60
N TYR A 130 0.74 -13.65 3.14
CA TYR A 130 1.09 -13.90 4.55
C TYR A 130 1.64 -12.59 5.13
N GLN A 131 0.77 -11.59 5.22
CA GLN A 131 1.20 -10.26 5.65
C GLN A 131 1.50 -10.25 7.15
N GLU A 132 0.63 -10.87 7.96
CA GLU A 132 0.89 -10.92 9.39
C GLU A 132 2.23 -11.59 9.68
N ALA A 133 2.52 -12.68 8.96
CA ALA A 133 3.80 -13.36 9.15
C ALA A 133 4.96 -12.50 8.68
N THR A 134 4.75 -11.73 7.60
CA THR A 134 5.79 -10.78 7.18
C THR A 134 6.04 -9.75 8.27
N ILE A 135 4.96 -9.22 8.84
CA ILE A 135 5.08 -8.21 9.90
C ILE A 135 5.81 -8.80 11.10
N GLU A 136 5.52 -10.06 11.42
CA GLU A 136 6.12 -10.70 12.59
C GLU A 136 7.62 -10.85 12.40
N LYS A 137 8.06 -11.18 11.18
CA LYS A 137 9.48 -11.29 10.89
C LYS A 137 10.17 -9.93 10.96
N ILE A 138 9.54 -8.89 10.39
CA ILE A 138 10.10 -7.54 10.47
C ILE A 138 10.34 -7.17 11.93
N ILE A 139 9.36 -7.44 12.78
CA ILE A 139 9.48 -7.13 14.20
C ILE A 139 10.65 -7.90 14.83
N ARG A 140 10.85 -9.16 14.42
CA ARG A 140 12.01 -9.91 14.92
C ARG A 140 13.31 -9.25 14.48
N PHE A 141 13.34 -8.72 13.25
CA PHE A 141 14.52 -8.01 12.76
C PHE A 141 14.76 -6.69 13.49
N LEU A 142 13.73 -6.09 14.09
CA LEU A 142 13.93 -4.79 14.73
C LEU A 142 14.61 -4.95 16.09
N GLN A 143 15.27 -3.86 16.51
CA GLN A 143 16.09 -3.84 17.73
C GLN A 143 15.50 -2.90 18.78
N THR B 4 -20.91 -12.36 8.72
CA THR B 4 -21.05 -11.48 7.56
C THR B 4 -20.32 -10.15 7.77
N PRO B 5 -19.21 -9.98 7.06
CA PRO B 5 -18.52 -8.69 7.08
C PRO B 5 -19.41 -7.53 6.62
N ASP B 6 -19.17 -6.35 7.21
CA ASP B 6 -19.84 -5.10 6.82
C ASP B 6 -19.25 -4.48 5.56
N VAL B 7 -18.03 -4.86 5.18
CA VAL B 7 -17.25 -4.16 4.18
C VAL B 7 -16.58 -5.19 3.29
N PHE B 8 -16.85 -5.13 1.99
CA PHE B 8 -16.13 -5.92 0.99
C PHE B 8 -15.14 -5.02 0.26
N ILE B 9 -13.87 -5.46 0.20
CA ILE B 9 -12.83 -4.70 -0.51
C ILE B 9 -12.52 -5.41 -1.82
N SER B 10 -12.80 -4.74 -2.93
CA SER B 10 -12.51 -5.23 -4.26
C SER B 10 -11.33 -4.42 -4.81
N TYR B 11 -10.38 -5.10 -5.46
CA TYR B 11 -9.16 -4.43 -5.85
C TYR B 11 -8.48 -5.23 -6.96
N ARG B 12 -7.59 -4.56 -7.70
CA ARG B 12 -6.80 -5.21 -8.73
C ARG B 12 -5.51 -5.72 -8.11
N ARG B 13 -5.28 -7.03 -8.21
CA ARG B 13 -4.16 -7.67 -7.53
C ARG B 13 -2.83 -6.98 -7.84
N ASN B 14 -2.53 -6.77 -9.12
CA ASN B 14 -1.20 -6.37 -9.51
C ASN B 14 -0.96 -4.87 -9.38
N SER B 15 -1.87 -4.11 -8.75
CA SER B 15 -1.63 -2.67 -8.61
C SER B 15 -2.19 -2.07 -7.32
N GLY B 16 -3.29 -2.63 -6.79
CA GLY B 16 -3.89 -2.10 -5.58
C GLY B 16 -3.77 -2.92 -4.31
N SER B 17 -2.90 -3.93 -4.26
N SER B 17 -2.90 -3.92 -4.26
CA SER B 17 -2.86 -4.83 -3.12
CA SER B 17 -2.86 -4.83 -3.11
C SER B 17 -2.42 -4.11 -1.84
C SER B 17 -2.41 -4.12 -1.84
N GLN B 18 -1.46 -3.19 -1.95
CA GLN B 18 -0.97 -2.50 -0.76
C GLN B 18 -2.04 -1.57 -0.19
N LEU B 19 -2.67 -0.77 -1.03
CA LEU B 19 -3.72 0.12 -0.52
C LEU B 19 -4.90 -0.68 0.01
N ALA B 20 -5.31 -1.74 -0.70
CA ALA B 20 -6.41 -2.58 -0.23
C ALA B 20 -6.11 -3.12 1.16
N SER B 21 -4.84 -3.52 1.40
CA SER B 21 -4.45 -4.05 2.70
C SER B 21 -4.41 -2.96 3.75
N LEU B 22 -3.89 -1.78 3.39
CA LEU B 22 -3.91 -0.63 4.28
C LEU B 22 -5.34 -0.28 4.71
N LEU B 23 -6.27 -0.30 3.74
CA LEU B 23 -7.67 -0.04 4.04
C LEU B 23 -8.24 -1.05 5.01
N LYS B 24 -7.94 -2.35 4.81
CA LYS B 24 -8.44 -3.40 5.70
C LYS B 24 -7.99 -3.15 7.13
N VAL B 25 -6.70 -2.85 7.32
CA VAL B 25 -6.18 -2.62 8.67
C VAL B 25 -6.92 -1.48 9.33
N HIS B 26 -6.98 -0.33 8.65
CA HIS B 26 -7.58 0.86 9.25
C HIS B 26 -9.05 0.62 9.58
N LEU B 27 -9.80 -0.01 8.67
CA LEU B 27 -11.22 -0.20 8.93
C LEU B 27 -11.44 -1.20 10.06
N GLN B 28 -10.60 -2.24 10.15
CA GLN B 28 -10.73 -3.15 11.28
C GLN B 28 -10.44 -2.44 12.59
N LEU B 29 -9.44 -1.54 12.60
CA LEU B 29 -9.12 -0.83 13.84
C LEU B 29 -10.28 0.05 14.31
N HIS B 30 -11.13 0.48 13.38
CA HIS B 30 -12.29 1.30 13.73
C HIS B 30 -13.56 0.48 13.89
N GLY B 31 -13.47 -0.84 13.97
CA GLY B 31 -14.58 -1.68 14.36
C GLY B 31 -15.39 -2.31 13.25
N PHE B 32 -14.98 -2.14 11.99
CA PHE B 32 -15.69 -2.78 10.89
C PHE B 32 -15.17 -4.20 10.65
N SER B 33 -16.08 -5.09 10.28
N SER B 33 -16.08 -5.09 10.28
CA SER B 33 -15.70 -6.41 9.81
CA SER B 33 -15.70 -6.42 9.81
C SER B 33 -15.46 -6.31 8.31
C SER B 33 -15.46 -6.34 8.31
N VAL B 34 -14.28 -6.75 7.87
CA VAL B 34 -13.82 -6.55 6.51
C VAL B 34 -13.59 -7.89 5.85
N PHE B 35 -14.08 -8.04 4.61
CA PHE B 35 -13.69 -9.12 3.74
C PHE B 35 -12.67 -8.62 2.73
N ILE B 36 -11.49 -9.23 2.74
CA ILE B 36 -10.54 -9.14 1.64
C ILE B 36 -10.07 -10.56 1.38
N ASP B 37 -9.84 -10.90 0.10
CA ASP B 37 -9.69 -12.31 -0.28
C ASP B 37 -8.53 -12.98 0.46
N VAL B 38 -7.39 -12.29 0.62
CA VAL B 38 -6.22 -12.94 1.21
C VAL B 38 -6.43 -13.30 2.67
N GLU B 39 -7.43 -12.72 3.33
CA GLU B 39 -7.75 -13.03 4.72
C GLU B 39 -8.97 -13.93 4.88
N LYS B 40 -10.00 -13.74 4.06
CA LYS B 40 -11.29 -14.35 4.33
C LYS B 40 -11.75 -15.34 3.28
N LEU B 41 -11.17 -15.34 2.09
CA LEU B 41 -11.53 -16.33 1.07
C LEU B 41 -10.83 -17.64 1.43
N GLU B 42 -11.60 -18.65 1.84
CA GLU B 42 -10.96 -19.88 2.28
C GLU B 42 -11.17 -21.03 1.30
N ALA B 43 -11.51 -22.21 1.79
CA ALA B 43 -11.53 -23.40 0.95
C ALA B 43 -12.82 -23.46 0.13
N GLY B 44 -12.74 -24.08 -1.04
CA GLY B 44 -13.90 -24.36 -1.86
C GLY B 44 -13.87 -23.61 -3.18
N LYS B 45 -15.01 -23.67 -3.88
CA LYS B 45 -15.14 -22.99 -5.16
C LYS B 45 -15.22 -21.49 -4.92
N PHE B 46 -14.17 -20.76 -5.31
CA PHE B 46 -14.07 -19.35 -4.94
C PHE B 46 -15.11 -18.47 -5.62
N GLU B 47 -15.55 -18.85 -6.83
CA GLU B 47 -16.49 -18.01 -7.56
C GLU B 47 -17.75 -17.76 -6.74
N ASP B 48 -18.34 -18.82 -6.18
CA ASP B 48 -19.58 -18.63 -5.45
C ASP B 48 -19.35 -17.98 -4.09
N LYS B 49 -18.21 -18.24 -3.47
CA LYS B 49 -17.93 -17.60 -2.19
C LYS B 49 -17.72 -16.09 -2.37
N LEU B 50 -17.04 -15.67 -3.44
CA LEU B 50 -16.86 -14.25 -3.69
C LEU B 50 -18.20 -13.55 -3.91
N ILE B 51 -19.06 -14.14 -4.74
CA ILE B 51 -20.37 -13.56 -5.01
C ILE B 51 -21.19 -13.50 -3.72
N GLN B 52 -21.21 -14.59 -2.96
CA GLN B 52 -21.95 -14.56 -1.70
C GLN B 52 -21.39 -13.49 -0.76
N SER B 53 -20.07 -13.30 -0.76
CA SER B 53 -19.47 -12.34 0.16
C SER B 53 -19.80 -10.90 -0.24
N VAL B 54 -19.79 -10.59 -1.54
CA VAL B 54 -20.26 -9.28 -1.98
C VAL B 54 -21.73 -9.09 -1.59
N MET B 55 -22.56 -10.11 -1.83
CA MET B 55 -23.98 -10.02 -1.50
C MET B 55 -24.21 -9.79 -0.02
N GLY B 56 -23.32 -10.30 0.82
CA GLY B 56 -23.50 -10.20 2.25
C GLY B 56 -23.00 -8.93 2.90
N ALA B 57 -22.22 -8.11 2.20
CA ALA B 57 -21.59 -6.93 2.80
C ALA B 57 -22.40 -5.67 2.48
N ARG B 58 -22.74 -4.90 3.51
CA ARG B 58 -23.44 -3.63 3.31
C ARG B 58 -22.67 -2.71 2.39
N ASN B 59 -21.36 -2.59 2.61
CA ASN B 59 -20.52 -1.65 1.90
C ASN B 59 -19.58 -2.36 0.94
N PHE B 60 -19.38 -1.77 -0.22
CA PHE B 60 -18.50 -2.28 -1.25
C PHE B 60 -17.44 -1.21 -1.52
N VAL B 61 -16.22 -1.44 -1.05
CA VAL B 61 -15.11 -0.50 -1.19
C VAL B 61 -14.32 -0.91 -2.41
N LEU B 62 -14.25 -0.04 -3.42
CA LEU B 62 -13.62 -0.37 -4.70
C LEU B 62 -12.28 0.37 -4.78
N VAL B 63 -11.18 -0.37 -4.79
CA VAL B 63 -9.86 0.26 -4.81
C VAL B 63 -9.50 0.58 -6.25
N LEU B 64 -9.52 1.86 -6.60
CA LEU B 64 -9.22 2.31 -7.96
C LEU B 64 -7.77 2.77 -8.05
N SER B 65 -6.86 1.80 -8.17
CA SER B 65 -5.44 2.05 -8.43
C SER B 65 -5.23 2.32 -9.91
N PRO B 66 -4.04 2.83 -10.32
CA PRO B 66 -3.82 3.10 -11.75
C PRO B 66 -4.19 1.93 -12.65
N GLY B 67 -5.05 2.15 -13.65
CA GLY B 67 -5.38 1.12 -14.61
C GLY B 67 -6.25 -0.01 -14.11
N ALA B 68 -6.87 0.14 -12.94
CA ALA B 68 -7.55 -0.98 -12.27
C ALA B 68 -8.74 -1.52 -13.06
N LEU B 69 -9.33 -0.75 -13.97
CA LEU B 69 -10.46 -1.23 -14.76
C LEU B 69 -10.08 -1.52 -16.21
N ASP B 70 -8.78 -1.50 -16.54
CA ASP B 70 -8.34 -1.77 -17.91
C ASP B 70 -8.83 -3.13 -18.38
N LYS B 71 -8.65 -4.18 -17.59
CA LYS B 71 -9.08 -5.50 -18.03
C LYS B 71 -10.62 -5.63 -18.05
N CYS B 72 -11.35 -4.75 -17.36
CA CYS B 72 -12.82 -4.78 -17.45
C CYS B 72 -13.31 -4.41 -18.85
N MET B 73 -12.58 -3.52 -19.55
CA MET B 73 -13.02 -3.07 -20.86
C MET B 73 -13.00 -4.23 -21.85
N GLN B 74 -14.09 -4.34 -22.62
CA GLN B 74 -14.29 -5.38 -23.62
C GLN B 74 -14.60 -6.73 -22.99
N ASP B 75 -14.56 -6.80 -21.65
CA ASP B 75 -14.92 -8.04 -20.97
C ASP B 75 -16.42 -8.26 -21.07
N HIS B 76 -16.92 -8.48 -22.30
CA HIS B 76 -18.36 -8.59 -22.51
C HIS B 76 -18.93 -9.84 -21.85
N ASP B 77 -18.12 -10.89 -21.71
CA ASP B 77 -18.55 -12.16 -21.12
C ASP B 77 -18.41 -12.19 -19.60
N CYS B 78 -18.02 -11.07 -18.98
CA CYS B 78 -17.85 -10.97 -17.52
C CYS B 78 -16.86 -12.00 -16.99
N LYS B 79 -15.65 -12.02 -17.57
CA LYS B 79 -14.60 -12.94 -17.16
C LYS B 79 -13.65 -12.35 -16.13
N ASP B 80 -13.61 -11.03 -16.00
CA ASP B 80 -12.72 -10.35 -15.07
C ASP B 80 -13.37 -10.27 -13.70
N TRP B 81 -12.58 -10.56 -12.66
CA TRP B 81 -13.17 -10.69 -11.33
C TRP B 81 -13.53 -9.33 -10.71
N VAL B 82 -12.77 -8.27 -10.99
CA VAL B 82 -13.20 -6.95 -10.52
C VAL B 82 -14.51 -6.56 -11.20
N HIS B 83 -14.59 -6.77 -12.51
CA HIS B 83 -15.85 -6.56 -13.24
C HIS B 83 -16.99 -7.33 -12.58
N LYS B 84 -16.79 -8.62 -12.30
CA LYS B 84 -17.82 -9.45 -11.69
C LYS B 84 -18.22 -8.93 -10.32
N GLU B 85 -17.25 -8.49 -9.52
CA GLU B 85 -17.56 -8.01 -8.17
C GLU B 85 -18.35 -6.71 -8.22
N ILE B 86 -17.97 -5.80 -9.12
CA ILE B 86 -18.69 -4.54 -9.27
C ILE B 86 -20.13 -4.80 -9.70
N VAL B 87 -20.32 -5.62 -10.74
CA VAL B 87 -21.67 -5.94 -11.21
C VAL B 87 -22.49 -6.56 -10.07
N THR B 88 -21.89 -7.44 -9.28
CA THR B 88 -22.62 -8.02 -8.16
C THR B 88 -23.06 -6.93 -7.18
N ALA B 89 -22.16 -6.00 -6.87
CA ALA B 89 -22.50 -4.92 -5.95
C ALA B 89 -23.57 -4.01 -6.53
N LEU B 90 -23.46 -3.66 -7.81
CA LEU B 90 -24.51 -2.85 -8.43
C LEU B 90 -25.85 -3.59 -8.39
N SER B 91 -25.83 -4.89 -8.66
N SER B 91 -25.82 -4.89 -8.68
CA SER B 91 -27.08 -5.63 -8.76
CA SER B 91 -27.05 -5.66 -8.75
C SER B 91 -27.72 -5.89 -7.39
C SER B 91 -27.74 -5.80 -7.40
N CYS B 92 -26.97 -5.81 -6.30
CA CYS B 92 -27.55 -5.89 -4.97
C CYS B 92 -27.83 -4.52 -4.36
N GLY B 93 -27.61 -3.43 -5.08
CA GLY B 93 -27.81 -2.11 -4.50
C GLY B 93 -26.91 -1.81 -3.32
N LYS B 94 -25.68 -2.32 -3.32
CA LYS B 94 -24.78 -2.11 -2.20
C LYS B 94 -24.31 -0.65 -2.15
N ASN B 95 -23.84 -0.25 -0.98
CA ASN B 95 -23.28 1.10 -0.82
C ASN B 95 -21.86 1.05 -1.38
N ILE B 96 -21.69 1.53 -2.59
CA ILE B 96 -20.41 1.47 -3.29
C ILE B 96 -19.59 2.69 -2.93
N VAL B 97 -18.36 2.48 -2.49
CA VAL B 97 -17.44 3.56 -2.10
C VAL B 97 -16.14 3.44 -2.88
N PRO B 98 -16.01 4.15 -3.99
CA PRO B 98 -14.76 4.08 -4.77
C PRO B 98 -13.67 4.86 -4.08
N ILE B 99 -12.48 4.25 -4.00
CA ILE B 99 -11.30 4.90 -3.44
C ILE B 99 -10.31 5.11 -4.59
N ILE B 100 -10.02 6.37 -4.88
CA ILE B 100 -9.28 6.78 -6.07
C ILE B 100 -7.84 7.07 -5.65
N ASP B 101 -6.89 6.36 -6.26
CA ASP B 101 -5.47 6.54 -5.95
C ASP B 101 -4.69 6.56 -7.27
N GLY B 102 -4.56 7.73 -7.86
CA GLY B 102 -3.84 7.85 -9.11
C GLY B 102 -4.55 7.25 -10.29
N PHE B 103 -5.87 7.10 -10.20
CA PHE B 103 -6.67 6.45 -11.23
C PHE B 103 -7.24 7.51 -12.16
N GLU B 104 -7.12 7.30 -13.46
CA GLU B 104 -7.76 8.17 -14.43
C GLU B 104 -9.21 7.74 -14.58
N TRP B 105 -10.13 8.69 -14.37
CA TRP B 105 -11.56 8.40 -14.52
C TRP B 105 -11.85 8.04 -15.96
N PRO B 106 -12.45 6.89 -16.24
CA PRO B 106 -12.80 6.56 -17.62
C PRO B 106 -14.09 7.27 -18.05
N GLU B 107 -14.18 7.50 -19.34
CA GLU B 107 -15.46 7.88 -19.90
C GLU B 107 -16.40 6.67 -19.85
N PRO B 108 -17.67 6.88 -19.48
CA PRO B 108 -18.57 5.72 -19.33
C PRO B 108 -18.63 4.84 -20.56
N GLN B 109 -18.50 5.43 -21.76
CA GLN B 109 -18.60 4.67 -23.00
C GLN B 109 -17.61 3.52 -23.06
N VAL B 110 -16.46 3.66 -22.41
CA VAL B 110 -15.43 2.63 -22.51
C VAL B 110 -15.68 1.44 -21.60
N LEU B 111 -16.56 1.59 -20.58
CA LEU B 111 -16.84 0.49 -19.68
C LEU B 111 -18.00 -0.35 -20.20
N PRO B 112 -18.02 -1.65 -19.86
CA PRO B 112 -19.20 -2.45 -20.18
C PRO B 112 -20.46 -1.83 -19.59
N GLU B 113 -21.56 -1.95 -20.33
CA GLU B 113 -22.82 -1.33 -19.92
C GLU B 113 -23.24 -1.78 -18.53
N ASP B 114 -22.96 -3.04 -18.17
CA ASP B 114 -23.43 -3.53 -16.87
C ASP B 114 -22.65 -2.95 -15.69
N MET B 115 -21.60 -2.15 -15.92
CA MET B 115 -20.90 -1.50 -14.82
C MET B 115 -20.71 0.01 -15.00
N GLN B 116 -21.24 0.60 -16.07
CA GLN B 116 -21.05 2.04 -16.26
C GLN B 116 -21.64 2.85 -15.11
N ALA B 117 -22.64 2.30 -14.42
CA ALA B 117 -23.23 2.97 -13.26
C ALA B 117 -22.24 3.18 -12.12
N VAL B 118 -21.09 2.53 -12.14
CA VAL B 118 -20.12 2.75 -11.06
C VAL B 118 -19.67 4.22 -11.01
N LEU B 119 -19.71 4.91 -12.15
CA LEU B 119 -19.27 6.29 -12.21
C LEU B 119 -20.28 7.27 -11.63
N THR B 120 -21.43 6.80 -11.16
CA THR B 120 -22.41 7.68 -10.55
C THR B 120 -22.29 7.74 -9.03
N PHE B 121 -21.36 6.98 -8.45
CA PHE B 121 -21.15 6.94 -7.02
C PHE B 121 -20.04 7.90 -6.64
N ASN B 122 -20.25 8.63 -5.55
CA ASN B 122 -19.26 9.61 -5.10
C ASN B 122 -18.03 8.90 -4.56
N GLY B 123 -16.86 9.20 -5.11
CA GLY B 123 -15.62 8.58 -4.68
C GLY B 123 -14.85 9.42 -3.66
N ILE B 124 -13.79 8.80 -3.12
CA ILE B 124 -12.90 9.43 -2.15
C ILE B 124 -11.50 9.39 -2.73
N LYS B 125 -10.82 10.53 -2.74
CA LYS B 125 -9.46 10.58 -3.24
C LYS B 125 -8.52 10.21 -2.11
N TRP B 126 -7.76 9.14 -2.31
CA TRP B 126 -6.73 8.78 -1.35
C TRP B 126 -5.68 9.89 -1.28
N SER B 127 -5.35 10.33 -0.06
CA SER B 127 -4.33 11.36 0.16
C SER B 127 -3.18 10.76 0.96
N HIS B 128 -2.04 10.56 0.31
CA HIS B 128 -0.85 10.10 1.03
C HIS B 128 -0.48 11.05 2.16
N GLU B 129 -0.67 12.36 1.95
CA GLU B 129 -0.29 13.36 2.93
C GLU B 129 -1.29 13.50 4.07
N TYR B 130 -2.56 13.17 3.85
CA TYR B 130 -3.59 13.31 4.88
C TYR B 130 -4.34 11.99 5.00
N GLN B 131 -3.61 10.93 5.34
CA GLN B 131 -4.20 9.60 5.37
C GLN B 131 -5.22 9.47 6.50
N GLU B 132 -4.92 10.03 7.67
CA GLU B 132 -5.87 9.99 8.77
C GLU B 132 -7.20 10.60 8.36
N ALA B 133 -7.16 11.78 7.73
CA ALA B 133 -8.39 12.42 7.28
C ALA B 133 -9.08 11.61 6.18
N THR B 134 -8.30 11.00 5.29
CA THR B 134 -8.90 10.15 4.26
C THR B 134 -9.67 9.01 4.91
N ILE B 135 -9.06 8.35 5.90
CA ILE B 135 -9.69 7.25 6.62
C ILE B 135 -10.97 7.72 7.30
N GLU B 136 -10.93 8.89 7.95
CA GLU B 136 -12.14 9.36 8.62
C GLU B 136 -13.26 9.63 7.61
N LYS B 137 -12.90 10.10 6.42
CA LYS B 137 -13.92 10.31 5.39
C LYS B 137 -14.53 8.98 4.95
N ILE B 138 -13.68 7.98 4.71
CA ILE B 138 -14.16 6.66 4.33
C ILE B 138 -15.15 6.14 5.36
N ILE B 139 -14.79 6.27 6.63
CA ILE B 139 -15.64 5.76 7.71
C ILE B 139 -16.97 6.48 7.72
N ARG B 140 -16.98 7.78 7.41
CA ARG B 140 -18.24 8.51 7.28
C ARG B 140 -19.09 7.94 6.15
N PHE B 141 -18.44 7.57 5.03
CA PHE B 141 -19.13 6.98 3.89
C PHE B 141 -19.69 5.59 4.19
N LEU B 142 -19.18 4.91 5.20
CA LEU B 142 -19.60 3.53 5.46
C LEU B 142 -20.88 3.50 6.28
N GLN B 143 -21.66 2.43 6.07
CA GLN B 143 -22.93 2.18 6.72
C GLN B 143 -22.79 1.06 7.75
C10 Q0L C . 12.73 11.33 1.88
C12 Q0L C . 12.54 13.25 0.54
C13 Q0L C . 12.13 14.55 0.33
C14 Q0L C . 11.42 15.21 1.35
C15 Q0L C . 11.18 14.54 2.53
C16 Q0L C . 11.64 13.23 2.67
C17 Q0L C . 10.93 16.70 1.15
C20 Q0L C . 10.58 18.78 0.31
C22 Q0L C . 9.74 21.08 -0.25
C23 Q0L C . 9.76 22.38 -1.14
C24 Q0L C . 8.69 23.39 -0.72
C04 Q0L C . 11.69 9.92 -0.99
C05 Q0L C . 12.72 9.64 0.13
C06 Q0L C . 11.98 9.20 1.46
C08 Q0L C . 11.73 10.56 2.21
C25 Q0L C . 8.76 24.72 -1.52
C26 Q0L C . 8.22 24.78 -2.82
C27 Q0L C . 8.28 26.00 -3.55
C28 Q0L C . 8.89 27.14 -2.98
C30 Q0L C . 9.42 27.08 -1.67
C31 Q0L C . 9.36 25.87 -0.95
C33 Q0L C . 11.25 17.55 0.08
C34 Q0L C . 12.19 17.21 -1.14
C39 Q0L C . 8.73 14.15 -1.89
C40 Q0L C . 7.84 15.19 -1.65
C41 Q0L C . 6.44 14.90 -2.33
C43 Q0L C . 6.58 15.41 -3.44
C45 Q0L C . 7.45 16.79 -3.16
C47 Q0L C . 7.49 18.05 -5.38
C48 Q0L C . 8.41 18.26 -6.38
C49 Q0L C . 8.04 19.07 -7.53
C52 Q0L C . 5.94 19.35 -6.58
C55 Q0L C . 9.35 16.97 -4.80
N11 Q0L C . 12.30 12.63 1.69
N18 Q0L C . 10.09 17.39 1.99
N19 Q0L C . 9.91 18.66 1.45
N21 Q0L C . 10.63 19.97 -0.53
N46 Q0L C . 8.09 17.25 -4.40
N50 Q0L C . 9.01 19.32 -8.64
N51 Q0L C . 6.83 19.57 -7.57
N53 Q0L C . 6.26 18.60 -5.50
N54 Q0L C . 9.58 17.60 -6.02
O01 Q0L C . 10.61 9.78 -4.02
O03 Q0L C . 12.37 10.07 -2.20
O07 Q0L C . 12.75 8.43 2.18
O09 Q0L C . 11.72 10.34 3.67
O32 Q0L C . 8.98 21.01 0.68
O35 Q0L C . 13.35 10.72 0.43
O36 Q0L C . 10.77 12.08 -2.94
O38 Q0L C . 8.89 14.01 -3.33
O42 Q0L C . 5.34 15.59 -1.50
O44 Q0L C . 5.31 15.70 -4.13
O56 Q0L C . 8.34 16.46 -2.30
O57 Q0L C . 10.09 12.76 -5.30
O58 Q0L C . 11.42 14.32 -3.96
O59 Q0L C . 12.55 11.15 -4.51
P02 Q0L C . 11.58 10.75 -3.46
P37 Q0L C . 10.32 13.29 -3.91
CL29 Q0L C . 8.97 28.68 -3.91
C10 Q0L D . -11.18 -11.02 -6.37
C12 Q0L D . -10.25 -12.80 -7.60
C13 Q0L D . -9.74 -14.08 -7.69
C14 Q0L D . -9.66 -14.87 -6.55
C15 Q0L D . -10.10 -14.34 -5.35
C16 Q0L D . -10.61 -13.04 -5.33
C17 Q0L D . -9.08 -16.33 -6.61
C20 Q0L D . -8.26 -18.31 -7.36
C22 Q0L D . -7.12 -20.54 -7.63
C23 Q0L D . -6.58 -21.71 -8.55
C24 Q0L D . -5.86 -22.79 -7.74
C04 Q0L D . -8.80 -9.42 -8.08
C05 Q0L D . -10.27 -9.19 -7.65
C06 Q0L D . -10.36 -8.90 -6.09
C08 Q0L D . -10.53 -10.33 -5.46
C25 Q0L D . -5.48 -24.04 -8.61
C26 Q0L D . -6.30 -25.16 -8.61
C27 Q0L D . -5.96 -26.29 -9.38
C28 Q0L D . -4.78 -26.28 -10.17
C30 Q0L D . -3.95 -25.14 -10.16
C31 Q0L D . -4.29 -24.02 -9.39
C33 Q0L D . -8.73 -17.04 -7.77
C34 Q0L D . -8.83 -16.51 -9.25
C39 Q0L D . -5.68 -13.53 -7.74
C40 Q0L D . -5.04 -14.62 -7.14
C41 Q0L D . -3.50 -14.27 -6.89
C43 Q0L D . -2.99 -14.61 -7.94
C45 Q0L D . -3.78 -16.01 -8.36
C47 Q0L D . -2.55 -16.96 -10.40
C48 Q0L D . -2.78 -16.98 -11.75
C49 Q0L D . -1.81 -17.65 -12.62
C52 Q0L D . -0.56 -18.15 -10.73
C55 Q0L D . -4.48 -15.90 -10.78
N11 Q0L D . -10.67 -12.32 -6.43
N18 Q0L D . -8.84 -17.15 -5.53
N19 Q0L D . -8.34 -18.35 -6.03
N21 Q0L D . -7.78 -19.38 -8.23
N46 Q0L D . -3.62 -16.27 -9.80
N50 Q0L D . -2.01 -17.71 -14.09
N51 Q0L D . -0.75 -18.20 -12.06
N53 Q0L D . -1.45 -17.54 -9.89
N54 Q0L D . -3.97 -16.33 -12.00
O01 Q0L D . -7.55 -10.18 -11.61
O03 Q0L D . -8.74 -9.44 -9.48
O07 Q0L D . -11.39 -8.15 -5.82
O09 Q0L D . -11.31 -10.26 -4.21
O32 Q0L D . -6.98 -20.61 -6.45
O35 Q0L D . -10.97 -10.26 -7.85
O36 Q0L D . -6.66 -11.12 -9.41
O38 Q0L D . -5.08 -13.30 -9.03
O42 Q0L D . -3.02 -15.10 -5.69
O44 Q0L D . -1.53 -14.83 -7.83
O56 Q0L D . -5.01 -15.81 -8.09
O57 Q0L D . -4.99 -11.82 -11.19
O58 Q0L D . -6.98 -13.21 -10.85
O59 Q0L D . -6.38 -8.69 -10.10
P02 Q0L D . -7.32 -9.84 -10.18
P37 Q0L D . -5.94 -12.35 -10.17
CL29 Q0L D . -4.33 -27.72 -11.15
#